data_1B32
#
_entry.id   1B32
#
_cell.length_a   109.720
_cell.length_b   75.720
_cell.length_c   70.310
_cell.angle_alpha   90.00
_cell.angle_beta   90.00
_cell.angle_gamma   90.00
#
_symmetry.space_group_name_H-M   'P 21 21 21'
#
loop_
_entity.id
_entity.type
_entity.pdbx_description
1 polymer 'PROTEIN (OLIGO-PEPTIDE BINDING PROTEIN)'
2 polymer 'PROTEIN (LYS-MET-LYS)'
3 non-polymer 'URANYL (VI) ION'
4 non-polymer 'ACETATE ION'
5 water water
#
loop_
_entity_poly.entity_id
_entity_poly.type
_entity_poly.pdbx_seq_one_letter_code
_entity_poly.pdbx_strand_id
1 'polypeptide(L)'
;ADVPAGVQLADKQTLVRNNGSEVQSLDPHKIEGVPESNVSRDLFEGLLISDVEGHPSPGVAEKWENKDFKVWTFHLRENA
KWSDGTPVTAHDFVYSWQRLADPNTASPYASYLQYGHIANIDDIIAGKKPATDLGVKALDDHTFEVTLSEPVPYFYKLLV
HPSVSPVPKSAVEKFGDKWTQPANIVTNGAYKLKNWVVNERIVLERNPQYWDNAKTVINQVTYLPISSEVTDVNRYRSGE
IDMTYNNMPIELFQKLKKEIPNEVRVDPYLCTYYYEINNQKAPFNDVRVRTALKLALDRDIIVNKVKNQGDLPAYSYTPP
YTDGAKLVEPEWFKWSQQKRNEEAKKLLAEAGFTADKPLTFDLLYNTSDLHKKLAIAVASIWKKNLGVNVNLENQEWKTF
LDTRHQGTFDVARAGWCADYNEPTSFLNTMLSDSSNNTAHYKSPAFDKLIADTLKVADDTQRSELYAKAEQQLDKDSAIV
PVYYYVNARLVKPWVGGYTGKDPLDNIYVKNLYIIKH
;
A
2 'polypeptide(L)' KMK B
#
# COMPACT_ATOMS: atom_id res chain seq x y z
N ALA A 1 -5.71 -2.42 23.13
CA ALA A 1 -4.37 -2.90 23.51
C ALA A 1 -4.54 -3.96 24.61
N ASP A 2 -3.66 -4.95 24.60
CA ASP A 2 -3.71 -5.97 25.66
C ASP A 2 -2.43 -5.83 26.47
N VAL A 3 -2.45 -5.05 27.56
CA VAL A 3 -1.23 -4.85 28.34
C VAL A 3 -0.90 -6.07 29.19
N PRO A 4 0.27 -6.65 28.98
CA PRO A 4 0.72 -7.82 29.71
C PRO A 4 0.69 -7.58 31.20
N ALA A 5 0.30 -8.60 31.97
CA ALA A 5 0.29 -8.54 33.42
C ALA A 5 1.66 -8.06 33.91
N GLY A 6 1.70 -7.16 34.88
CA GLY A 6 2.98 -6.71 35.39
C GLY A 6 3.67 -5.60 34.63
N VAL A 7 3.21 -5.17 33.44
CA VAL A 7 3.97 -4.06 32.84
C VAL A 7 3.43 -2.80 33.54
N GLN A 8 4.32 -1.87 33.81
CA GLN A 8 3.94 -0.62 34.44
C GLN A 8 3.66 0.40 33.33
N LEU A 9 2.46 0.96 33.29
CA LEU A 9 2.21 1.93 32.22
C LEU A 9 2.68 3.33 32.60
N ALA A 10 3.15 4.08 31.62
CA ALA A 10 3.56 5.45 31.82
C ALA A 10 2.31 6.25 32.20
N ASP A 11 2.51 7.31 32.97
CA ASP A 11 1.41 8.20 33.33
C ASP A 11 0.80 8.82 32.07
N LYS A 12 1.64 9.34 31.20
CA LYS A 12 1.22 9.99 29.96
C LYS A 12 1.27 8.97 28.82
N GLN A 13 0.09 8.73 28.27
CA GLN A 13 -0.02 7.75 27.17
C GLN A 13 -0.16 8.50 25.86
N THR A 14 0.98 9.00 25.39
CA THR A 14 1.00 9.73 24.10
C THR A 14 2.09 9.14 23.22
N LEU A 15 1.85 9.26 21.92
CA LEU A 15 2.73 8.65 20.95
C LEU A 15 2.97 9.60 19.80
N VAL A 16 4.19 9.60 19.30
CA VAL A 16 4.55 10.43 18.14
C VAL A 16 5.14 9.48 17.10
N ARG A 17 4.49 9.41 15.94
CA ARG A 17 4.97 8.55 14.87
C ARG A 17 5.33 9.35 13.65
N ASN A 18 6.41 9.00 12.93
CA ASN A 18 6.67 9.72 11.68
C ASN A 18 5.86 8.93 10.63
N ASN A 19 5.34 9.66 9.66
CA ASN A 19 4.45 9.04 8.68
C ASN A 19 4.92 9.22 7.26
N GLY A 20 6.19 9.59 7.07
CA GLY A 20 6.81 9.66 5.78
C GLY A 20 6.50 10.81 4.87
N SER A 21 5.31 11.37 4.87
CA SER A 21 4.93 12.46 4.02
C SER A 21 3.57 13.02 4.44
N GLU A 22 3.26 14.15 3.82
CA GLU A 22 1.96 14.74 4.08
C GLU A 22 0.93 13.83 3.38
N VAL A 23 -0.15 13.49 4.05
CA VAL A 23 -1.09 12.58 3.40
C VAL A 23 -1.79 13.21 2.20
N GLN A 24 -2.26 12.35 1.30
CA GLN A 24 -3.04 12.79 0.14
C GLN A 24 -4.36 13.43 0.63
N SER A 25 -4.93 12.70 1.59
CA SER A 25 -6.28 13.04 2.08
C SER A 25 -6.56 12.21 3.33
N LEU A 26 -7.62 12.54 4.05
CA LEU A 26 -8.12 11.71 5.14
C LEU A 26 -9.43 11.05 4.69
N ASP A 27 -9.84 11.29 3.45
CA ASP A 27 -11.08 10.65 2.96
C ASP A 27 -10.70 9.26 2.50
N PRO A 28 -11.26 8.20 3.08
CA PRO A 28 -10.94 6.85 2.73
C PRO A 28 -11.07 6.51 1.25
N HIS A 29 -11.94 7.24 0.52
CA HIS A 29 -12.13 6.99 -0.89
C HIS A 29 -11.21 7.79 -1.78
N LYS A 30 -10.33 8.59 -1.20
CA LYS A 30 -9.43 9.40 -2.04
C LYS A 30 -7.98 9.03 -1.76
N ILE A 31 -7.75 7.93 -1.05
CA ILE A 31 -6.33 7.66 -0.68
C ILE A 31 -5.83 6.37 -1.31
N GLU A 32 -4.48 6.26 -1.42
CA GLU A 32 -3.99 4.96 -1.92
C GLU A 32 -2.66 4.54 -1.33
N GLY A 33 -2.08 5.35 -0.42
CA GLY A 33 -0.73 5.01 0.04
C GLY A 33 -0.66 4.58 1.51
N VAL A 34 0.54 4.17 1.87
CA VAL A 34 0.88 3.75 3.24
C VAL A 34 0.71 4.87 4.23
N PRO A 35 1.25 6.07 4.02
CA PRO A 35 1.05 7.15 4.97
C PRO A 35 -0.43 7.45 5.22
N GLU A 36 -1.18 7.42 4.10
CA GLU A 36 -2.62 7.70 4.22
C GLU A 36 -3.29 6.61 5.04
N SER A 37 -2.93 5.37 4.75
CA SER A 37 -3.56 4.21 5.38
C SER A 37 -3.21 4.14 6.84
N ASN A 38 -2.00 4.56 7.20
CA ASN A 38 -1.59 4.58 8.59
C ASN A 38 -2.54 5.43 9.43
N VAL A 39 -2.87 6.62 8.94
CA VAL A 39 -3.78 7.48 9.68
C VAL A 39 -5.18 6.90 9.56
N SER A 40 -5.56 6.44 8.36
CA SER A 40 -6.92 5.92 8.16
C SER A 40 -7.29 4.81 9.14
N ARG A 41 -6.39 3.90 9.48
CA ARG A 41 -6.73 2.80 10.38
C ARG A 41 -7.12 3.30 11.76
N ASP A 42 -6.55 4.41 12.22
CA ASP A 42 -6.92 4.94 13.54
C ASP A 42 -8.27 5.65 13.51
N LEU A 43 -8.65 6.18 12.33
CA LEU A 43 -9.89 6.94 12.27
C LEU A 43 -11.12 6.22 11.76
N PHE A 44 -11.00 5.36 10.77
CA PHE A 44 -12.16 4.71 10.15
C PHE A 44 -12.01 3.20 10.24
N GLU A 45 -13.11 2.61 10.75
CA GLU A 45 -13.06 1.14 10.91
C GLU A 45 -14.08 0.44 10.03
N GLY A 46 -13.59 -0.52 9.25
CA GLY A 46 -14.45 -1.27 8.34
C GLY A 46 -14.99 -2.53 9.00
N LEU A 47 -15.47 -3.44 8.15
CA LEU A 47 -16.13 -4.67 8.58
C LEU A 47 -15.20 -5.50 9.44
N LEU A 48 -13.97 -5.68 8.96
CA LEU A 48 -12.95 -6.44 9.69
C LEU A 48 -11.74 -5.51 9.89
N ILE A 49 -10.90 -5.86 10.85
CA ILE A 49 -9.64 -5.13 11.07
C ILE A 49 -8.56 -6.21 11.26
N SER A 50 -7.28 -5.83 11.16
CA SER A 50 -6.25 -6.84 11.42
C SER A 50 -6.00 -6.86 12.93
N ASP A 51 -5.71 -8.03 13.50
CA ASP A 51 -5.34 -8.05 14.92
C ASP A 51 -3.89 -7.61 15.02
N VAL A 52 -3.25 -7.72 16.19
CA VAL A 52 -1.88 -7.27 16.35
C VAL A 52 -0.88 -8.09 15.58
N GLU A 53 -1.23 -9.26 15.03
CA GLU A 53 -0.28 -10.07 14.27
C GLU A 53 -0.67 -10.07 12.81
N GLY A 54 -1.68 -9.27 12.45
CA GLY A 54 -2.14 -9.12 11.10
C GLY A 54 -3.28 -10.01 10.63
N HIS A 55 -3.84 -10.85 11.49
CA HIS A 55 -4.90 -11.76 11.05
C HIS A 55 -6.22 -10.99 10.90
N PRO A 56 -6.94 -11.22 9.83
CA PRO A 56 -8.25 -10.57 9.65
C PRO A 56 -9.10 -10.89 10.86
N SER A 57 -9.78 -9.93 11.45
CA SER A 57 -10.51 -10.16 12.69
C SER A 57 -11.70 -9.22 12.71
N PRO A 58 -12.60 -9.45 13.68
CA PRO A 58 -13.81 -8.62 13.75
C PRO A 58 -13.53 -7.13 13.86
N GLY A 59 -14.21 -6.35 13.03
CA GLY A 59 -14.13 -4.87 13.13
C GLY A 59 -15.54 -4.42 13.51
N VAL A 60 -16.20 -3.65 12.63
CA VAL A 60 -17.61 -3.32 12.93
C VAL A 60 -18.41 -4.60 12.86
N ALA A 61 -18.10 -5.51 11.95
CA ALA A 61 -18.80 -6.80 11.94
C ALA A 61 -18.27 -7.70 13.04
N GLU A 62 -19.17 -8.19 13.94
CA GLU A 62 -18.68 -9.13 14.96
C GLU A 62 -18.65 -10.57 14.44
N LYS A 63 -19.50 -10.92 13.48
CA LYS A 63 -19.49 -12.25 12.91
C LYS A 63 -20.01 -12.19 11.48
N TRP A 64 -19.66 -13.20 10.71
CA TRP A 64 -20.03 -13.21 9.30
C TRP A 64 -20.09 -14.63 8.78
N GLU A 65 -20.85 -14.81 7.69
CA GLU A 65 -20.96 -16.11 7.05
C GLU A 65 -20.88 -15.90 5.54
N ASN A 66 -20.65 -16.98 4.82
CA ASN A 66 -20.69 -16.88 3.36
C ASN A 66 -21.47 -18.06 2.79
N LYS A 67 -22.12 -17.82 1.67
CA LYS A 67 -22.83 -18.89 0.96
C LYS A 67 -22.06 -19.10 -0.35
N ASP A 68 -21.40 -20.25 -0.49
CA ASP A 68 -20.65 -20.57 -1.69
C ASP A 68 -19.57 -19.56 -2.04
N PHE A 69 -19.06 -18.80 -1.06
CA PHE A 69 -18.06 -17.77 -1.27
C PHE A 69 -18.56 -16.66 -2.19
N LYS A 70 -19.87 -16.57 -2.41
CA LYS A 70 -20.46 -15.58 -3.28
C LYS A 70 -21.34 -14.62 -2.52
N VAL A 71 -22.09 -15.10 -1.50
CA VAL A 71 -22.90 -14.14 -0.76
C VAL A 71 -22.34 -14.07 0.67
N TRP A 72 -21.91 -12.86 1.03
CA TRP A 72 -21.28 -12.68 2.34
C TRP A 72 -22.16 -11.84 3.22
N THR A 73 -22.51 -12.37 4.39
CA THR A 73 -23.38 -11.67 5.33
C THR A 73 -22.64 -11.26 6.58
N PHE A 74 -22.60 -9.96 6.84
CA PHE A 74 -21.89 -9.41 7.99
C PHE A 74 -22.84 -8.94 9.07
N HIS A 75 -22.68 -9.48 10.27
CA HIS A 75 -23.50 -9.08 11.40
C HIS A 75 -22.79 -7.98 12.18
N LEU A 76 -23.27 -6.74 12.11
CA LEU A 76 -22.59 -5.63 12.74
C LEU A 76 -22.87 -5.51 14.21
N ARG A 77 -21.82 -5.32 15.03
CA ARG A 77 -22.09 -5.17 16.47
C ARG A 77 -23.03 -4.02 16.75
N GLU A 78 -23.93 -4.25 17.73
CA GLU A 78 -24.95 -3.25 18.05
C GLU A 78 -24.45 -1.96 18.66
N ASN A 79 -23.28 -1.97 19.28
CA ASN A 79 -22.73 -0.77 19.88
C ASN A 79 -21.65 -0.06 19.06
N ALA A 80 -21.53 -0.36 17.77
CA ALA A 80 -20.60 0.39 16.94
C ALA A 80 -21.17 1.79 16.73
N LYS A 81 -20.39 2.81 17.06
CA LYS A 81 -20.85 4.17 16.91
C LYS A 81 -19.80 5.07 16.26
N TRP A 82 -20.27 6.16 15.66
CA TRP A 82 -19.43 7.22 15.13
C TRP A 82 -19.02 8.10 16.31
N SER A 83 -18.12 9.06 16.09
CA SER A 83 -17.60 9.93 17.13
C SER A 83 -18.60 10.96 17.63
N ASP A 84 -19.71 11.12 16.89
CA ASP A 84 -20.75 12.04 17.32
C ASP A 84 -21.81 11.28 18.11
N GLY A 85 -21.55 10.04 18.47
CA GLY A 85 -22.49 9.22 19.21
C GLY A 85 -23.50 8.43 18.40
N THR A 86 -23.68 8.70 17.12
CA THR A 86 -24.65 8.00 16.29
C THR A 86 -24.17 6.62 15.91
N PRO A 87 -25.09 5.67 15.71
CA PRO A 87 -24.72 4.30 15.43
C PRO A 87 -24.09 4.11 14.05
N VAL A 88 -23.13 3.21 13.94
CA VAL A 88 -22.63 2.82 12.62
C VAL A 88 -23.60 1.73 12.16
N THR A 89 -24.20 1.87 10.98
CA THR A 89 -25.16 0.85 10.56
C THR A 89 -24.75 0.22 9.25
N ALA A 90 -25.49 -0.78 8.78
CA ALA A 90 -25.20 -1.34 7.47
C ALA A 90 -25.51 -0.32 6.37
N HIS A 91 -26.38 0.66 6.60
CA HIS A 91 -26.70 1.69 5.66
C HIS A 91 -25.44 2.54 5.37
N ASP A 92 -24.61 2.73 6.41
CA ASP A 92 -23.36 3.46 6.20
C ASP A 92 -22.45 2.71 5.23
N PHE A 93 -22.39 1.38 5.35
CA PHE A 93 -21.59 0.58 4.44
C PHE A 93 -22.18 0.62 3.04
N VAL A 94 -23.52 0.62 2.92
CA VAL A 94 -24.12 0.64 1.58
C VAL A 94 -23.75 1.92 0.87
N TYR A 95 -23.94 3.05 1.54
CA TYR A 95 -23.61 4.34 0.95
C TYR A 95 -22.10 4.39 0.67
N SER A 96 -21.31 3.92 1.61
CA SER A 96 -19.85 4.05 1.40
C SER A 96 -19.34 3.25 0.21
N TRP A 97 -19.72 1.99 0.08
CA TRP A 97 -19.22 1.21 -1.04
C TRP A 97 -19.80 1.76 -2.35
N GLN A 98 -21.03 2.29 -2.32
CA GLN A 98 -21.54 2.90 -3.57
C GLN A 98 -20.70 4.12 -3.94
N ARG A 99 -20.29 4.93 -2.98
CA ARG A 99 -19.51 6.13 -3.22
C ARG A 99 -18.13 5.72 -3.75
N LEU A 100 -17.59 4.63 -3.20
CA LEU A 100 -16.32 4.16 -3.76
C LEU A 100 -16.43 3.75 -5.21
N ALA A 101 -17.52 3.06 -5.61
CA ALA A 101 -17.75 2.58 -6.95
C ALA A 101 -18.09 3.69 -7.96
N ASP A 102 -18.70 4.74 -7.48
CA ASP A 102 -19.17 5.83 -8.34
C ASP A 102 -18.01 6.52 -9.04
N PRO A 103 -18.01 6.56 -10.36
CA PRO A 103 -16.97 7.22 -11.13
C PRO A 103 -16.78 8.69 -10.81
N ASN A 104 -17.83 9.38 -10.39
CA ASN A 104 -17.76 10.78 -9.97
C ASN A 104 -16.84 10.96 -8.75
N THR A 105 -16.62 9.91 -7.96
CA THR A 105 -15.72 10.00 -6.80
C THR A 105 -14.25 9.91 -7.25
N ALA A 106 -14.05 9.27 -8.40
CA ALA A 106 -12.73 9.12 -8.98
C ALA A 106 -11.72 8.59 -7.98
N SER A 107 -12.13 7.53 -7.28
CA SER A 107 -11.21 6.97 -6.28
C SER A 107 -10.10 6.23 -6.99
N PRO A 108 -8.87 6.31 -6.48
CA PRO A 108 -7.78 5.50 -7.02
C PRO A 108 -8.03 4.03 -6.67
N TYR A 109 -8.90 3.77 -5.68
CA TYR A 109 -9.23 2.40 -5.30
C TYR A 109 -10.64 1.98 -5.72
N ALA A 110 -11.22 2.64 -6.73
CA ALA A 110 -12.48 2.15 -7.30
C ALA A 110 -12.39 0.68 -7.66
N SER A 111 -11.28 0.23 -8.27
CA SER A 111 -11.12 -1.16 -8.67
C SER A 111 -11.02 -2.14 -7.52
N TYR A 112 -10.92 -1.74 -6.26
CA TYR A 112 -10.90 -2.69 -5.15
C TYR A 112 -12.21 -3.51 -5.20
N LEU A 113 -13.31 -2.88 -5.65
CA LEU A 113 -14.59 -3.62 -5.73
C LEU A 113 -14.58 -4.62 -6.87
N GLN A 114 -13.79 -4.41 -7.90
CA GLN A 114 -13.58 -5.35 -8.99
C GLN A 114 -12.69 -6.50 -8.46
N TYR A 115 -11.71 -6.16 -7.60
CA TYR A 115 -10.87 -7.23 -7.05
C TYR A 115 -11.69 -8.21 -6.21
N GLY A 116 -12.71 -7.69 -5.54
CA GLY A 116 -13.58 -8.56 -4.76
C GLY A 116 -14.74 -9.09 -5.61
N HIS A 117 -14.90 -8.59 -6.82
CA HIS A 117 -15.96 -9.01 -7.73
C HIS A 117 -17.36 -8.76 -7.18
N ILE A 118 -17.56 -7.63 -6.53
CA ILE A 118 -18.91 -7.24 -6.09
C ILE A 118 -19.77 -7.12 -7.35
N ALA A 119 -20.98 -7.66 -7.27
CA ALA A 119 -21.84 -7.65 -8.45
C ALA A 119 -22.06 -6.26 -9.01
N ASN A 120 -22.06 -6.20 -10.35
CA ASN A 120 -22.29 -5.04 -11.17
C ASN A 120 -21.20 -3.96 -11.16
N ILE A 121 -20.04 -4.21 -10.56
CA ILE A 121 -19.05 -3.13 -10.47
C ILE A 121 -18.48 -2.69 -11.80
N ASP A 122 -18.25 -3.59 -12.76
CA ASP A 122 -17.68 -3.19 -14.04
C ASP A 122 -18.59 -2.19 -14.73
N ASP A 123 -19.88 -2.50 -14.83
CA ASP A 123 -20.83 -1.57 -15.43
C ASP A 123 -20.91 -0.24 -14.69
N ILE A 124 -20.79 -0.28 -13.36
CA ILE A 124 -20.86 0.94 -12.57
C ILE A 124 -19.63 1.78 -12.86
N ILE A 125 -18.45 1.14 -12.87
CA ILE A 125 -17.26 1.92 -13.19
C ILE A 125 -17.34 2.53 -14.58
N ALA A 126 -17.90 1.83 -15.54
CA ALA A 126 -18.00 2.30 -16.93
C ALA A 126 -19.12 3.29 -17.17
N GLY A 127 -19.92 3.62 -16.16
CA GLY A 127 -21.02 4.54 -16.29
C GLY A 127 -22.25 3.91 -16.93
N LYS A 128 -22.26 2.59 -17.10
CA LYS A 128 -23.37 1.91 -17.72
C LYS A 128 -24.52 1.68 -16.77
N LYS A 129 -24.22 1.59 -15.47
CA LYS A 129 -25.25 1.40 -14.45
C LYS A 129 -24.95 2.38 -13.32
N PRO A 130 -25.97 2.85 -12.64
CA PRO A 130 -25.77 3.74 -11.51
C PRO A 130 -25.13 2.98 -10.35
N ALA A 131 -24.47 3.72 -9.46
CA ALA A 131 -23.80 3.13 -8.31
C ALA A 131 -24.73 2.40 -7.37
N THR A 132 -26.01 2.79 -7.32
CA THR A 132 -27.00 2.11 -6.49
C THR A 132 -27.31 0.74 -7.01
N ASP A 133 -26.76 0.27 -8.12
CA ASP A 133 -26.95 -1.09 -8.59
C ASP A 133 -25.88 -2.00 -8.01
N LEU A 134 -24.95 -1.42 -7.22
CA LEU A 134 -23.87 -2.25 -6.68
C LEU A 134 -24.41 -3.42 -5.88
N GLY A 135 -23.81 -4.60 -5.93
CA GLY A 135 -24.27 -5.77 -5.19
C GLY A 135 -24.09 -5.73 -3.68
N VAL A 136 -24.57 -4.72 -3.00
CA VAL A 136 -24.53 -4.59 -1.57
C VAL A 136 -25.90 -4.13 -1.08
N LYS A 137 -26.32 -4.66 0.07
CA LYS A 137 -27.58 -4.17 0.65
C LYS A 137 -27.54 -4.26 2.16
N ALA A 138 -28.34 -3.44 2.84
CA ALA A 138 -28.47 -3.51 4.29
C ALA A 138 -29.76 -4.33 4.53
N LEU A 139 -29.62 -5.50 5.12
CA LEU A 139 -30.84 -6.35 5.33
C LEU A 139 -31.60 -5.74 6.51
N ASP A 140 -30.86 -5.10 7.40
CA ASP A 140 -31.40 -4.34 8.51
C ASP A 140 -30.29 -3.39 8.95
N ASP A 141 -30.52 -2.63 10.01
CA ASP A 141 -29.52 -1.69 10.48
C ASP A 141 -28.24 -2.43 10.87
N HIS A 142 -28.26 -3.70 11.26
CA HIS A 142 -26.98 -4.28 11.72
C HIS A 142 -26.53 -5.43 10.84
N THR A 143 -27.06 -5.50 9.63
CA THR A 143 -26.72 -6.63 8.77
C THR A 143 -26.37 -6.17 7.37
N PHE A 144 -25.10 -6.35 6.99
CA PHE A 144 -24.68 -5.91 5.65
C PHE A 144 -24.42 -7.11 4.79
N GLU A 145 -25.07 -7.23 3.63
CA GLU A 145 -24.96 -8.37 2.74
C GLU A 145 -24.32 -8.00 1.39
N VAL A 146 -23.27 -8.74 1.07
CA VAL A 146 -22.48 -8.50 -0.13
C VAL A 146 -22.62 -9.66 -1.10
N THR A 147 -22.98 -9.36 -2.34
CA THR A 147 -23.17 -10.37 -3.36
C THR A 147 -22.09 -10.24 -4.44
N LEU A 148 -21.33 -11.28 -4.65
CA LEU A 148 -20.26 -11.28 -5.65
C LEU A 148 -20.73 -12.00 -6.91
N SER A 149 -20.08 -11.70 -8.02
CA SER A 149 -20.42 -12.36 -9.29
C SER A 149 -19.73 -13.69 -9.49
N GLU A 150 -18.80 -14.08 -8.64
CA GLU A 150 -18.15 -15.38 -8.69
C GLU A 150 -17.57 -15.67 -7.31
N PRO A 151 -17.33 -16.93 -7.00
CA PRO A 151 -16.81 -17.33 -5.71
C PRO A 151 -15.41 -16.76 -5.48
N VAL A 152 -15.25 -16.16 -4.30
CA VAL A 152 -13.98 -15.57 -3.88
C VAL A 152 -13.71 -16.02 -2.45
N PRO A 153 -12.98 -17.12 -2.25
CA PRO A 153 -12.77 -17.68 -0.94
C PRO A 153 -12.01 -16.79 0.00
N TYR A 154 -11.14 -15.93 -0.53
CA TYR A 154 -10.39 -14.98 0.28
C TYR A 154 -11.05 -13.61 0.37
N PHE A 155 -12.34 -13.44 -0.03
CA PHE A 155 -12.95 -12.14 -0.01
C PHE A 155 -12.80 -11.39 1.28
N TYR A 156 -13.07 -12.04 2.44
CA TYR A 156 -13.02 -11.32 3.71
C TYR A 156 -11.65 -10.71 3.97
N LYS A 157 -10.58 -11.29 3.44
CA LYS A 157 -9.23 -10.73 3.66
C LYS A 157 -9.12 -9.32 3.11
N LEU A 158 -9.87 -8.98 2.05
CA LEU A 158 -9.79 -7.64 1.50
C LEU A 158 -10.33 -6.57 2.42
N LEU A 159 -11.25 -6.90 3.33
CA LEU A 159 -12.06 -5.96 4.05
C LEU A 159 -11.39 -5.12 5.12
N VAL A 160 -10.11 -5.34 5.35
CA VAL A 160 -9.37 -4.50 6.31
C VAL A 160 -8.87 -3.20 5.68
N HIS A 161 -8.98 -3.01 4.39
CA HIS A 161 -8.42 -1.87 3.65
C HIS A 161 -9.23 -0.60 3.76
N PRO A 162 -8.60 0.58 3.76
CA PRO A 162 -9.30 1.84 4.00
C PRO A 162 -10.41 2.12 3.01
N SER A 163 -10.25 1.69 1.76
CA SER A 163 -11.22 1.97 0.70
C SER A 163 -12.60 1.42 1.02
N VAL A 164 -12.69 0.35 1.78
CA VAL A 164 -13.94 -0.27 2.20
C VAL A 164 -14.31 0.10 3.64
N SER A 165 -13.72 1.14 4.21
CA SER A 165 -14.20 1.68 5.50
C SER A 165 -15.41 2.59 5.25
N PRO A 166 -16.27 2.74 6.25
CA PRO A 166 -17.42 3.60 6.12
C PRO A 166 -17.03 5.07 6.20
N VAL A 167 -17.80 5.89 5.48
CA VAL A 167 -17.67 7.34 5.59
C VAL A 167 -19.05 7.89 5.99
N PRO A 168 -19.07 8.98 6.73
CA PRO A 168 -20.35 9.54 7.21
C PRO A 168 -21.05 10.36 6.14
N LYS A 169 -22.11 9.85 5.57
CA LYS A 169 -22.86 10.50 4.49
C LYS A 169 -23.27 11.92 4.83
N SER A 170 -23.76 12.18 6.04
CA SER A 170 -24.19 13.56 6.34
C SER A 170 -23.07 14.58 6.31
N ALA A 171 -21.86 14.25 6.75
CA ALA A 171 -20.73 15.17 6.72
C ALA A 171 -20.25 15.38 5.29
N VAL A 172 -20.17 14.29 4.54
CA VAL A 172 -19.72 14.36 3.14
C VAL A 172 -20.64 15.32 2.36
N GLU A 173 -21.92 15.05 2.50
CA GLU A 173 -22.95 15.82 1.79
C GLU A 173 -23.00 17.28 2.20
N LYS A 174 -22.94 17.53 3.50
CA LYS A 174 -23.02 18.91 3.98
C LYS A 174 -21.75 19.68 3.68
N PHE A 175 -20.56 19.07 3.85
CA PHE A 175 -19.33 19.81 3.69
C PHE A 175 -18.48 19.56 2.46
N GLY A 176 -18.84 18.62 1.59
CA GLY A 176 -18.09 18.38 0.36
C GLY A 176 -16.65 18.01 0.70
N ASP A 177 -15.68 18.62 0.01
CA ASP A 177 -14.28 18.36 0.23
C ASP A 177 -13.72 18.81 1.55
N LYS A 178 -14.43 19.58 2.37
CA LYS A 178 -13.94 19.99 3.66
C LYS A 178 -14.52 19.13 4.77
N TRP A 179 -15.13 17.99 4.41
CA TRP A 179 -15.75 17.14 5.44
C TRP A 179 -14.71 16.58 6.39
N THR A 180 -13.46 16.46 5.93
CA THR A 180 -12.40 15.92 6.75
C THR A 180 -11.69 16.92 7.65
N GLN A 181 -12.06 18.20 7.63
CA GLN A 181 -11.50 19.19 8.54
C GLN A 181 -11.90 18.83 9.95
N PRO A 182 -11.08 19.10 10.95
CA PRO A 182 -11.38 18.77 12.33
C PRO A 182 -12.76 19.20 12.80
N ALA A 183 -13.23 20.38 12.39
CA ALA A 183 -14.54 20.86 12.87
C ALA A 183 -15.71 20.12 12.25
N ASN A 184 -15.50 19.42 11.12
CA ASN A 184 -16.56 18.76 10.41
C ASN A 184 -16.55 17.24 10.40
N ILE A 185 -15.34 16.70 10.49
CA ILE A 185 -15.18 15.24 10.39
C ILE A 185 -15.87 14.49 11.51
N VAL A 186 -16.32 13.29 11.16
CA VAL A 186 -16.93 12.31 12.03
C VAL A 186 -16.26 10.95 11.78
N THR A 187 -15.76 10.29 12.83
CA THR A 187 -15.00 9.04 12.63
C THR A 187 -15.52 7.88 13.45
N ASN A 188 -15.16 6.64 13.09
CA ASN A 188 -15.67 5.49 13.83
C ASN A 188 -14.57 4.55 14.33
N GLY A 189 -13.32 5.01 14.11
CA GLY A 189 -12.22 4.17 14.66
C GLY A 189 -11.95 4.52 16.11
N ALA A 190 -10.79 4.01 16.57
CA ALA A 190 -10.44 4.26 17.98
C ALA A 190 -10.16 5.71 18.30
N TYR A 191 -9.82 6.53 17.30
CA TYR A 191 -9.41 7.91 17.43
C TYR A 191 -10.30 8.88 16.65
N LYS A 192 -10.16 10.15 16.99
CA LYS A 192 -10.85 11.24 16.35
C LYS A 192 -9.79 12.26 15.93
N LEU A 193 -10.10 13.06 14.92
CA LEU A 193 -9.12 14.07 14.49
C LEU A 193 -9.17 15.29 15.39
N LYS A 194 -8.07 15.67 15.99
CA LYS A 194 -7.99 16.87 16.81
C LYS A 194 -7.44 18.04 16.02
N ASN A 195 -6.30 17.84 15.34
CA ASN A 195 -5.62 18.89 14.60
C ASN A 195 -5.02 18.36 13.28
N TRP A 196 -5.04 19.22 12.27
CA TRP A 196 -4.43 18.84 11.01
C TRP A 196 -3.79 20.11 10.41
N VAL A 197 -2.49 20.20 10.54
CA VAL A 197 -1.71 21.32 10.05
C VAL A 197 -0.83 20.77 8.91
N VAL A 198 -1.20 21.12 7.70
CA VAL A 198 -0.46 20.60 6.52
C VAL A 198 1.03 20.86 6.60
N ASN A 199 1.80 19.80 6.34
CA ASN A 199 3.26 19.79 6.40
C ASN A 199 3.80 20.04 7.80
N GLU A 200 2.99 19.83 8.84
CA GLU A 200 3.52 20.00 10.20
C GLU A 200 3.14 18.78 11.02
N ARG A 201 1.84 18.59 11.20
CA ARG A 201 1.42 17.43 11.98
C ARG A 201 -0.06 17.09 11.87
N ILE A 202 -0.38 15.84 12.22
CA ILE A 202 -1.76 15.39 12.33
C ILE A 202 -1.88 14.87 13.77
N VAL A 203 -2.84 15.40 14.53
CA VAL A 203 -2.92 14.93 15.91
C VAL A 203 -4.29 14.25 16.13
N LEU A 204 -4.26 13.01 16.59
CA LEU A 204 -5.49 12.27 16.81
C LEU A 204 -5.74 12.11 18.31
N GLU A 205 -7.00 12.14 18.72
CA GLU A 205 -7.26 11.94 20.15
C GLU A 205 -8.24 10.78 20.30
N ARG A 206 -8.16 10.11 21.44
CA ARG A 206 -9.05 8.97 21.68
C ARG A 206 -10.51 9.27 21.37
N ASN A 207 -11.20 8.34 20.74
CA ASN A 207 -12.63 8.51 20.44
C ASN A 207 -13.39 7.75 21.51
N PRO A 208 -14.01 8.40 22.48
CA PRO A 208 -14.73 7.73 23.54
C PRO A 208 -15.94 6.94 23.08
N GLN A 209 -16.45 7.25 21.90
CA GLN A 209 -17.60 6.51 21.37
C GLN A 209 -17.20 5.20 20.73
N TYR A 210 -15.90 5.00 20.48
CA TYR A 210 -15.45 3.75 19.85
C TYR A 210 -15.94 2.59 20.67
N TRP A 211 -16.53 1.58 20.03
CA TRP A 211 -17.07 0.43 20.74
C TRP A 211 -16.06 -0.27 21.65
N ASP A 212 -14.79 -0.30 21.24
CA ASP A 212 -13.78 -0.99 22.04
C ASP A 212 -12.91 -0.02 22.81
N ASN A 213 -13.40 1.18 23.06
CA ASN A 213 -12.71 2.24 23.76
C ASN A 213 -12.10 1.85 25.09
N ALA A 214 -12.78 1.01 25.88
CA ALA A 214 -12.20 0.60 27.16
C ALA A 214 -10.82 -0.05 26.99
N LYS A 215 -10.52 -0.70 25.86
CA LYS A 215 -9.23 -1.31 25.65
C LYS A 215 -8.20 -0.38 25.00
N THR A 216 -8.58 0.81 24.57
CA THR A 216 -7.62 1.78 24.03
C THR A 216 -6.77 2.34 25.18
N VAL A 217 -5.48 2.42 24.96
CA VAL A 217 -4.56 2.92 26.00
C VAL A 217 -3.99 4.26 25.63
N ILE A 218 -3.47 4.42 24.40
CA ILE A 218 -2.88 5.69 23.97
C ILE A 218 -3.98 6.74 23.82
N ASN A 219 -3.82 7.87 24.51
CA ASN A 219 -4.80 8.94 24.48
C ASN A 219 -4.66 9.90 23.32
N GLN A 220 -3.43 10.06 22.82
CA GLN A 220 -3.18 10.98 21.71
C GLN A 220 -2.01 10.45 20.88
N VAL A 221 -2.20 10.48 19.56
CA VAL A 221 -1.08 10.07 18.69
C VAL A 221 -0.89 11.20 17.68
N THR A 222 0.36 11.53 17.41
CA THR A 222 0.66 12.56 16.43
C THR A 222 1.40 11.88 15.26
N TYR A 223 1.01 12.21 14.06
CA TYR A 223 1.64 11.68 12.84
C TYR A 223 2.37 12.84 12.18
N LEU A 224 3.65 12.66 11.93
CA LEU A 224 4.43 13.72 11.30
C LEU A 224 4.65 13.40 9.81
N PRO A 225 4.95 14.42 9.04
CA PRO A 225 5.09 14.25 7.59
C PRO A 225 6.53 14.35 7.11
N ILE A 226 7.47 13.77 7.82
CA ILE A 226 8.89 13.97 7.49
C ILE A 226 9.36 12.97 6.44
N SER A 227 9.74 13.47 5.28
CA SER A 227 10.17 12.61 4.18
C SER A 227 11.67 12.32 4.21
N SER A 228 12.43 13.14 4.94
CA SER A 228 13.87 12.85 5.10
C SER A 228 14.01 11.75 6.16
N GLU A 229 14.48 10.57 5.79
CA GLU A 229 14.67 9.44 6.68
C GLU A 229 15.78 9.82 7.70
N VAL A 230 16.73 10.62 7.24
CA VAL A 230 17.76 11.13 8.15
C VAL A 230 17.15 11.98 9.27
N THR A 231 16.34 12.96 8.93
CA THR A 231 15.66 13.82 9.90
C THR A 231 14.77 13.02 10.82
N ASP A 232 14.10 12.00 10.26
CA ASP A 232 13.24 11.15 11.09
C ASP A 232 14.07 10.48 12.18
N VAL A 233 15.15 9.82 11.78
CA VAL A 233 16.05 9.21 12.77
C VAL A 233 16.57 10.25 13.73
N ASN A 234 16.97 11.43 13.27
CA ASN A 234 17.47 12.47 14.17
C ASN A 234 16.42 12.82 15.22
N ARG A 235 15.15 12.99 14.78
CA ARG A 235 14.14 13.42 15.76
C ARG A 235 13.66 12.29 16.62
N TYR A 236 13.90 11.04 16.20
CA TYR A 236 13.64 9.89 17.06
C TYR A 236 14.77 9.89 18.12
N ARG A 237 16.02 10.04 17.70
CA ARG A 237 17.11 9.99 18.69
C ARG A 237 17.13 11.18 19.61
N SER A 238 16.58 12.31 19.27
CA SER A 238 16.51 13.46 20.15
C SER A 238 15.42 13.29 21.22
N GLY A 239 14.49 12.36 21.00
CA GLY A 239 13.45 12.13 21.97
C GLY A 239 12.08 12.53 21.41
N GLU A 240 12.03 13.29 20.33
CA GLU A 240 10.70 13.73 19.86
C GLU A 240 9.82 12.60 19.33
N ILE A 241 10.41 11.74 18.52
CA ILE A 241 9.67 10.68 17.83
C ILE A 241 9.81 9.35 18.54
N ASP A 242 8.69 8.64 18.70
CA ASP A 242 8.70 7.33 19.33
C ASP A 242 8.84 6.19 18.35
N MET A 243 8.30 6.35 17.13
CA MET A 243 8.37 5.33 16.11
C MET A 243 8.69 5.99 14.79
N THR A 244 9.80 5.67 14.12
CA THR A 244 10.06 6.34 12.85
C THR A 244 9.10 5.75 11.80
N TYR A 245 9.16 6.36 10.62
CA TYR A 245 8.45 5.78 9.47
C TYR A 245 9.32 4.60 9.06
N ASN A 246 8.84 3.71 8.19
CA ASN A 246 9.62 2.54 7.83
C ASN A 246 10.23 2.69 6.44
N ASN A 247 11.06 3.69 6.32
CA ASN A 247 12.00 4.00 5.25
C ASN A 247 13.29 4.38 6.03
N MET A 248 14.40 3.69 5.85
CA MET A 248 15.59 4.00 6.65
C MET A 248 16.68 4.67 5.80
N PRO A 249 17.40 5.60 6.38
CA PRO A 249 18.43 6.36 5.67
C PRO A 249 19.71 5.60 5.41
N ILE A 250 20.25 5.73 4.19
CA ILE A 250 21.50 5.04 3.85
C ILE A 250 22.63 5.64 4.67
N GLU A 251 22.60 6.94 4.93
CA GLU A 251 23.68 7.57 5.69
C GLU A 251 23.94 6.95 7.05
N LEU A 252 22.88 6.65 7.78
CA LEU A 252 22.96 6.22 9.16
C LEU A 252 22.68 4.79 9.53
N PHE A 253 21.96 4.01 8.73
CA PHE A 253 21.51 2.69 9.12
C PHE A 253 22.57 1.76 9.70
N GLN A 254 23.71 1.66 9.02
CA GLN A 254 24.72 0.73 9.55
C GLN A 254 25.11 1.13 10.96
N LYS A 255 25.29 2.42 11.22
CA LYS A 255 25.63 2.94 12.53
C LYS A 255 24.51 2.58 13.52
N LEU A 256 23.27 2.76 13.10
CA LEU A 256 22.09 2.46 13.91
C LEU A 256 22.03 1.04 14.42
N LYS A 257 22.31 0.06 13.55
CA LYS A 257 22.27 -1.32 14.03
C LYS A 257 23.38 -1.57 15.06
N LYS A 258 24.47 -0.81 14.99
CA LYS A 258 25.53 -1.03 15.98
C LYS A 258 25.28 -0.22 17.24
N GLU A 259 24.64 0.93 17.11
CA GLU A 259 24.40 1.78 18.27
C GLU A 259 23.17 1.38 19.07
N ILE A 260 22.03 1.05 18.45
CA ILE A 260 20.82 0.72 19.21
C ILE A 260 20.11 -0.49 18.62
N PRO A 261 20.77 -1.65 18.65
CA PRO A 261 20.31 -2.88 18.08
C PRO A 261 18.88 -3.26 18.43
N ASN A 262 18.52 -3.18 19.70
CA ASN A 262 17.20 -3.50 20.19
C ASN A 262 16.10 -2.56 19.71
N GLU A 263 16.41 -1.40 19.18
CA GLU A 263 15.39 -0.49 18.68
C GLU A 263 15.21 -0.63 17.18
N VAL A 264 16.16 -1.30 16.53
CA VAL A 264 16.07 -1.48 15.09
C VAL A 264 15.21 -2.72 14.85
N ARG A 265 13.98 -2.47 14.36
CA ARG A 265 13.06 -3.57 14.11
C ARG A 265 13.18 -3.90 12.62
N VAL A 266 13.44 -5.15 12.30
CA VAL A 266 13.57 -5.57 10.90
C VAL A 266 12.72 -6.82 10.74
N ASP A 267 11.63 -6.71 10.00
CA ASP A 267 10.70 -7.86 9.86
C ASP A 267 10.24 -8.00 8.42
N PRO A 268 9.68 -9.17 8.10
CA PRO A 268 9.22 -9.41 6.74
C PRO A 268 8.14 -8.39 6.36
N TYR A 269 8.06 -8.10 5.09
CA TYR A 269 7.14 -7.05 4.58
C TYR A 269 6.76 -7.38 3.17
N LEU A 270 5.45 -7.45 2.90
CA LEU A 270 4.99 -7.82 1.56
C LEU A 270 4.89 -6.62 0.64
N CYS A 271 6.07 -6.09 0.29
CA CYS A 271 6.15 -4.95 -0.61
C CYS A 271 7.29 -5.15 -1.61
N THR A 272 7.12 -4.59 -2.80
CA THR A 272 8.17 -4.72 -3.80
C THR A 272 8.60 -3.34 -4.23
N TYR A 273 9.94 -3.08 -4.23
CA TYR A 273 10.47 -1.81 -4.73
C TYR A 273 10.85 -2.06 -6.19
N TYR A 274 10.39 -1.18 -7.07
CA TYR A 274 10.65 -1.34 -8.49
C TYR A 274 10.69 0.01 -9.19
N TYR A 275 11.16 -0.01 -10.45
CA TYR A 275 11.06 1.23 -11.25
C TYR A 275 9.89 0.98 -12.21
N GLU A 276 8.84 1.78 -12.06
CA GLU A 276 7.65 1.73 -12.87
C GLU A 276 7.94 2.45 -14.19
N ILE A 277 7.79 1.68 -15.28
CA ILE A 277 7.96 2.29 -16.61
C ILE A 277 6.59 2.69 -17.12
N ASN A 278 6.48 3.86 -17.77
CA ASN A 278 5.17 4.26 -18.32
C ASN A 278 5.01 3.53 -19.65
N ASN A 279 4.26 2.41 -19.62
CA ASN A 279 4.24 1.55 -20.80
C ASN A 279 3.52 2.16 -22.00
N GLN A 280 2.75 3.22 -21.86
CA GLN A 280 2.05 3.81 -22.97
C GLN A 280 2.86 4.90 -23.67
N LYS A 281 4.02 5.24 -23.18
CA LYS A 281 4.76 6.35 -23.81
C LYS A 281 6.03 5.90 -24.51
N ALA A 282 6.12 6.31 -25.79
CA ALA A 282 7.34 6.01 -26.54
C ALA A 282 8.48 6.77 -25.91
N PRO A 283 9.67 6.18 -25.85
CA PRO A 283 9.96 4.88 -26.43
C PRO A 283 9.79 3.70 -25.48
N PHE A 284 9.06 3.93 -24.37
CA PHE A 284 8.87 2.87 -23.38
C PHE A 284 7.78 1.90 -23.77
N ASN A 285 7.14 2.08 -24.91
CA ASN A 285 6.16 1.16 -25.45
C ASN A 285 6.87 0.10 -26.30
N ASP A 286 8.19 0.12 -26.32
CA ASP A 286 8.98 -0.88 -27.00
C ASP A 286 9.52 -1.89 -25.98
N VAL A 287 9.14 -3.18 -26.04
CA VAL A 287 9.67 -4.11 -25.04
C VAL A 287 11.18 -4.21 -24.96
N ARG A 288 11.90 -3.96 -26.06
CA ARG A 288 13.35 -4.02 -26.05
C ARG A 288 13.93 -2.95 -25.13
N VAL A 289 13.31 -1.78 -25.13
CA VAL A 289 13.78 -0.71 -24.26
C VAL A 289 13.53 -1.11 -22.81
N ARG A 290 12.29 -1.52 -22.55
CA ARG A 290 11.98 -1.93 -21.17
C ARG A 290 12.83 -3.08 -20.69
N THR A 291 13.07 -4.13 -21.51
CA THR A 291 13.89 -5.25 -21.09
C THR A 291 15.32 -4.82 -20.82
N ALA A 292 15.84 -3.91 -21.66
CA ALA A 292 17.22 -3.44 -21.47
C ALA A 292 17.37 -2.75 -20.12
N LEU A 293 16.41 -1.88 -19.78
CA LEU A 293 16.47 -1.22 -18.47
C LEU A 293 16.40 -2.22 -17.32
N LYS A 294 15.53 -3.22 -17.47
CA LYS A 294 15.34 -4.23 -16.44
C LYS A 294 16.58 -5.09 -16.24
N LEU A 295 17.20 -5.53 -17.35
CA LEU A 295 18.38 -6.37 -17.25
C LEU A 295 19.65 -5.65 -16.81
N ALA A 296 19.83 -4.41 -17.26
CA ALA A 296 21.04 -3.65 -16.96
C ALA A 296 21.12 -3.12 -15.54
N LEU A 297 19.97 -3.02 -14.86
CA LEU A 297 20.04 -2.61 -13.46
C LEU A 297 20.73 -3.75 -12.69
N ASP A 298 21.73 -3.46 -11.90
CA ASP A 298 22.45 -4.44 -11.11
C ASP A 298 21.88 -4.51 -9.69
N ARG A 299 20.97 -5.45 -9.48
CA ARG A 299 20.34 -5.58 -8.15
C ARG A 299 21.31 -5.89 -7.04
N ASP A 300 22.36 -6.68 -7.35
CA ASP A 300 23.31 -7.00 -6.28
C ASP A 300 23.98 -5.73 -5.80
N ILE A 301 24.36 -4.82 -6.68
CA ILE A 301 24.96 -3.56 -6.25
C ILE A 301 23.96 -2.74 -5.41
N ILE A 302 22.74 -2.56 -5.93
CA ILE A 302 21.76 -1.78 -5.19
C ILE A 302 21.44 -2.39 -3.83
N VAL A 303 20.99 -3.64 -3.84
CA VAL A 303 20.58 -4.28 -2.59
C VAL A 303 21.67 -4.52 -1.58
N ASN A 304 22.82 -5.04 -2.01
CA ASN A 304 23.86 -5.36 -1.02
C ASN A 304 24.96 -4.31 -0.95
N LYS A 305 25.16 -3.51 -1.98
CA LYS A 305 26.24 -2.51 -1.86
C LYS A 305 25.72 -1.13 -1.52
N VAL A 306 24.76 -0.58 -2.26
CA VAL A 306 24.34 0.78 -1.93
C VAL A 306 23.33 0.86 -0.81
N LYS A 307 22.42 -0.09 -0.66
CA LYS A 307 21.39 -0.03 0.38
C LYS A 307 21.74 -0.87 1.59
N ASN A 308 22.01 -2.15 1.42
CA ASN A 308 22.38 -3.10 2.44
C ASN A 308 21.60 -3.04 3.75
N GLN A 309 20.28 -3.17 3.69
CA GLN A 309 19.43 -3.14 4.87
C GLN A 309 18.66 -4.45 5.05
N GLY A 310 19.03 -5.48 4.28
CA GLY A 310 18.36 -6.77 4.41
C GLY A 310 17.37 -7.07 3.29
N ASP A 311 17.19 -6.17 2.33
CA ASP A 311 16.25 -6.43 1.23
C ASP A 311 16.74 -7.60 0.37
N LEU A 312 15.83 -8.20 -0.40
CA LEU A 312 16.21 -9.32 -1.26
C LEU A 312 16.03 -8.90 -2.71
N PRO A 313 17.02 -9.16 -3.55
CA PRO A 313 16.93 -8.81 -4.96
C PRO A 313 15.66 -9.39 -5.56
N ALA A 314 14.97 -8.59 -6.35
CA ALA A 314 13.68 -8.97 -6.93
C ALA A 314 13.69 -9.28 -8.41
N TYR A 315 12.86 -10.24 -8.81
CA TYR A 315 12.74 -10.68 -10.18
C TYR A 315 11.27 -10.78 -10.58
N SER A 316 10.38 -10.35 -9.69
CA SER A 316 8.94 -10.39 -9.93
C SER A 316 8.26 -9.16 -9.28
N TYR A 317 6.97 -9.05 -9.54
CA TYR A 317 6.21 -7.94 -8.92
C TYR A 317 5.70 -8.45 -7.57
N THR A 318 4.87 -9.50 -7.62
CA THR A 318 4.39 -10.14 -6.39
C THR A 318 5.59 -10.70 -5.61
N PRO A 319 5.71 -10.40 -4.33
CA PRO A 319 6.78 -10.94 -3.52
C PRO A 319 6.61 -12.45 -3.44
N PRO A 320 7.67 -13.23 -3.56
CA PRO A 320 7.58 -14.69 -3.55
C PRO A 320 7.09 -15.31 -2.28
N TYR A 321 7.04 -14.55 -1.20
CA TYR A 321 6.60 -15.10 0.08
C TYR A 321 5.18 -14.69 0.43
N THR A 322 4.51 -14.12 -0.60
CA THR A 322 3.07 -13.83 -0.43
C THR A 322 2.38 -15.18 -0.26
N ASP A 323 1.36 -15.24 0.56
CA ASP A 323 0.59 -16.48 0.74
C ASP A 323 -0.07 -16.87 -0.59
N GLY A 324 0.30 -18.01 -1.17
CA GLY A 324 -0.24 -18.43 -2.45
C GLY A 324 0.70 -18.21 -3.61
N ALA A 325 1.88 -17.60 -3.34
CA ALA A 325 2.81 -17.41 -4.44
C ALA A 325 3.78 -18.60 -4.52
N LYS A 326 3.93 -19.13 -5.72
CA LYS A 326 4.83 -20.23 -6.05
C LYS A 326 5.45 -19.85 -7.39
N LEU A 327 6.26 -18.80 -7.36
CA LEU A 327 6.80 -18.17 -8.55
C LEU A 327 8.02 -18.85 -9.18
N VAL A 328 8.09 -18.75 -10.49
CA VAL A 328 9.23 -19.32 -11.21
C VAL A 328 10.28 -18.24 -11.39
N GLU A 329 11.47 -18.45 -10.83
CA GLU A 329 12.54 -17.46 -10.98
C GLU A 329 13.03 -17.55 -12.42
N PRO A 330 13.01 -16.44 -13.14
CA PRO A 330 13.39 -16.41 -14.54
C PRO A 330 14.87 -16.64 -14.74
N GLU A 331 15.25 -17.17 -15.90
CA GLU A 331 16.63 -17.45 -16.20
C GLU A 331 17.53 -16.23 -16.18
N TRP A 332 17.10 -15.05 -16.62
CA TRP A 332 17.93 -13.86 -16.54
C TRP A 332 18.39 -13.52 -15.14
N PHE A 333 17.64 -13.87 -14.10
CA PHE A 333 18.02 -13.55 -12.73
C PHE A 333 19.22 -14.37 -12.26
N LYS A 334 19.41 -15.56 -12.84
CA LYS A 334 20.52 -16.43 -12.49
C LYS A 334 21.80 -16.11 -13.26
N TRP A 335 21.65 -15.44 -14.38
CA TRP A 335 22.80 -15.05 -15.18
C TRP A 335 23.74 -14.14 -14.40
N SER A 336 24.88 -13.85 -15.03
CA SER A 336 25.85 -12.93 -14.44
C SER A 336 25.40 -11.52 -14.84
N GLN A 337 25.82 -10.47 -14.16
CA GLN A 337 25.40 -9.11 -14.55
C GLN A 337 26.02 -8.75 -15.89
N GLN A 338 27.23 -9.25 -16.14
CA GLN A 338 27.90 -9.05 -17.43
C GLN A 338 27.02 -9.59 -18.55
N LYS A 339 26.51 -10.81 -18.37
CA LYS A 339 25.62 -11.38 -19.39
C LYS A 339 24.35 -10.56 -19.55
N ARG A 340 23.76 -10.09 -18.45
CA ARG A 340 22.61 -9.20 -18.54
C ARG A 340 22.99 -7.89 -19.24
N ASN A 341 24.17 -7.33 -18.98
CA ASN A 341 24.52 -6.09 -19.69
C ASN A 341 24.61 -6.28 -21.20
N GLU A 342 25.30 -7.31 -21.67
CA GLU A 342 25.44 -7.47 -23.13
C GLU A 342 24.06 -7.57 -23.77
N GLU A 343 23.18 -8.40 -23.18
CA GLU A 343 21.82 -8.56 -23.70
C GLU A 343 21.09 -7.22 -23.77
N ALA A 344 21.19 -6.44 -22.71
CA ALA A 344 20.60 -5.10 -22.66
C ALA A 344 21.14 -4.19 -23.75
N LYS A 345 22.46 -4.10 -23.87
CA LYS A 345 23.05 -3.25 -24.91
C LYS A 345 22.57 -3.71 -26.28
N LYS A 346 22.55 -5.04 -26.48
CA LYS A 346 22.07 -5.60 -27.75
C LYS A 346 20.67 -5.12 -28.07
N LEU A 347 19.71 -5.24 -27.15
CA LEU A 347 18.34 -4.81 -27.34
C LEU A 347 18.21 -3.32 -27.59
N LEU A 348 19.02 -2.53 -26.86
CA LEU A 348 18.98 -1.08 -27.05
C LEU A 348 19.63 -0.78 -28.41
N ALA A 349 20.71 -1.48 -28.73
CA ALA A 349 21.32 -1.26 -30.06
C ALA A 349 20.26 -1.63 -31.09
N GLU A 350 19.55 -2.74 -30.91
CA GLU A 350 18.47 -3.10 -31.81
C GLU A 350 17.34 -2.08 -31.86
N ALA A 351 17.00 -1.40 -30.77
CA ALA A 351 15.90 -0.45 -30.77
C ALA A 351 16.17 0.90 -31.41
N GLY A 352 17.34 1.12 -31.99
CA GLY A 352 17.68 2.33 -32.69
C GLY A 352 18.65 3.23 -31.95
N PHE A 353 19.01 2.92 -30.72
CA PHE A 353 19.89 3.80 -29.97
C PHE A 353 21.36 3.56 -30.18
N THR A 354 22.12 4.65 -30.27
CA THR A 354 23.56 4.66 -30.48
C THR A 354 24.25 5.68 -29.58
N ALA A 355 25.57 5.81 -29.67
CA ALA A 355 26.27 6.82 -28.87
C ALA A 355 25.85 8.22 -29.30
N ASP A 356 25.62 8.43 -30.60
CA ASP A 356 25.21 9.71 -31.15
C ASP A 356 23.79 10.09 -30.82
N LYS A 357 22.89 9.11 -30.73
CA LYS A 357 21.50 9.34 -30.37
C LYS A 357 21.12 8.39 -29.24
N PRO A 358 21.63 8.68 -28.05
CA PRO A 358 21.44 7.82 -26.89
C PRO A 358 20.02 7.92 -26.33
N LEU A 359 19.76 7.03 -25.39
CA LEU A 359 18.45 7.00 -24.74
C LEU A 359 18.56 7.91 -23.51
N THR A 360 17.73 8.93 -23.52
CA THR A 360 17.69 9.90 -22.42
C THR A 360 16.28 10.08 -21.91
N PHE A 361 16.12 9.93 -20.58
CA PHE A 361 14.76 10.06 -20.04
C PHE A 361 14.75 10.46 -18.56
N ASP A 362 13.54 10.73 -18.04
CA ASP A 362 13.42 11.17 -16.66
C ASP A 362 13.20 10.02 -15.66
N LEU A 363 13.70 10.22 -14.47
CA LEU A 363 13.54 9.26 -13.38
C LEU A 363 12.93 10.08 -12.22
N LEU A 364 11.65 9.85 -12.08
CA LEU A 364 10.83 10.56 -11.08
C LEU A 364 10.80 9.83 -9.77
N TYR A 365 10.96 10.54 -8.65
CA TYR A 365 10.93 9.87 -7.36
C TYR A 365 10.28 10.84 -6.36
N ASN A 366 9.69 10.28 -5.31
CA ASN A 366 9.14 11.17 -4.27
C ASN A 366 10.26 11.58 -3.33
N THR A 367 10.31 12.89 -2.98
CA THR A 367 11.29 13.44 -2.08
C THR A 367 11.62 12.53 -0.93
N SER A 368 12.89 12.11 -0.82
CA SER A 368 13.33 11.15 0.16
C SER A 368 14.86 10.99 0.11
N ASP A 369 15.50 10.81 1.23
CA ASP A 369 16.95 10.59 1.23
C ASP A 369 17.22 9.26 0.54
N LEU A 370 16.50 8.27 1.02
CA LEU A 370 16.61 6.93 0.50
C LEU A 370 16.34 6.87 -1.01
N HIS A 371 15.19 7.38 -1.49
CA HIS A 371 14.96 7.23 -2.92
C HIS A 371 15.93 8.03 -3.77
N LYS A 372 16.36 9.20 -3.27
CA LYS A 372 17.31 9.99 -4.07
C LYS A 372 18.64 9.22 -4.21
N LYS A 373 19.13 8.71 -3.09
CA LYS A 373 20.39 7.92 -3.13
C LYS A 373 20.29 6.69 -4.01
N LEU A 374 19.14 5.98 -3.99
CA LEU A 374 18.94 4.87 -4.89
C LEU A 374 18.83 5.32 -6.34
N ALA A 375 18.11 6.42 -6.60
CA ALA A 375 18.00 6.88 -7.98
C ALA A 375 19.37 7.31 -8.55
N ILE A 376 20.16 7.96 -7.71
CA ILE A 376 21.49 8.40 -8.19
C ILE A 376 22.28 7.15 -8.54
N ALA A 377 22.26 6.14 -7.68
CA ALA A 377 22.97 4.88 -7.94
C ALA A 377 22.47 4.19 -9.20
N VAL A 378 21.15 4.09 -9.36
CA VAL A 378 20.53 3.49 -10.54
C VAL A 378 20.93 4.25 -11.79
N ALA A 379 20.92 5.60 -11.72
CA ALA A 379 21.34 6.41 -12.85
C ALA A 379 22.81 6.09 -13.23
N SER A 380 23.68 5.94 -12.22
CA SER A 380 25.09 5.65 -12.51
C SER A 380 25.26 4.28 -13.16
N ILE A 381 24.55 3.31 -12.57
CA ILE A 381 24.59 1.92 -13.08
C ILE A 381 24.08 1.87 -14.50
N TRP A 382 22.94 2.52 -14.79
CA TRP A 382 22.39 2.51 -16.13
C TRP A 382 23.34 3.22 -17.11
N LYS A 383 23.98 4.29 -16.64
CA LYS A 383 24.92 5.03 -17.49
C LYS A 383 26.10 4.13 -17.84
N LYS A 384 26.70 3.51 -16.85
CA LYS A 384 27.86 2.64 -17.03
C LYS A 384 27.55 1.34 -17.77
N ASN A 385 26.45 0.68 -17.39
CA ASN A 385 26.12 -0.60 -18.00
C ASN A 385 25.45 -0.53 -19.34
N LEU A 386 24.68 0.53 -19.58
CA LEU A 386 23.90 0.60 -20.81
C LEU A 386 24.07 1.86 -21.63
N GLY A 387 24.80 2.84 -21.11
CA GLY A 387 24.97 4.10 -21.83
C GLY A 387 23.72 4.96 -21.92
N VAL A 388 22.79 4.84 -20.96
CA VAL A 388 21.59 5.67 -21.01
C VAL A 388 21.74 6.86 -20.05
N ASN A 389 21.10 7.96 -20.37
CA ASN A 389 21.18 9.16 -19.56
C ASN A 389 19.85 9.39 -18.84
N VAL A 390 19.93 9.69 -17.55
CA VAL A 390 18.65 9.89 -16.83
C VAL A 390 18.66 11.23 -16.11
N ASN A 391 17.52 11.89 -16.12
CA ASN A 391 17.39 13.18 -15.44
C ASN A 391 16.49 12.92 -14.22
N LEU A 392 17.08 13.10 -13.05
CA LEU A 392 16.35 12.86 -11.82
C LEU A 392 15.40 13.99 -11.55
N GLU A 393 14.20 13.67 -11.06
CA GLU A 393 13.25 14.69 -10.69
C GLU A 393 12.56 14.25 -9.37
N ASN A 394 12.58 15.11 -8.35
CA ASN A 394 11.85 14.74 -7.15
C ASN A 394 10.52 15.49 -7.12
N GLN A 395 9.48 14.91 -6.54
CA GLN A 395 8.20 15.55 -6.34
C GLN A 395 7.67 15.14 -4.96
N GLU A 396 6.92 16.03 -4.31
CA GLU A 396 6.33 15.61 -3.02
C GLU A 396 5.35 14.47 -3.25
N TRP A 397 5.19 13.61 -2.22
CA TRP A 397 4.32 12.43 -2.33
C TRP A 397 3.00 12.60 -3.02
N LYS A 398 2.12 13.51 -2.55
CA LYS A 398 0.81 13.64 -3.20
C LYS A 398 0.89 13.97 -4.68
N THR A 399 1.81 14.85 -5.05
CA THR A 399 2.00 15.24 -6.44
C THR A 399 2.59 14.11 -7.25
N PHE A 400 3.54 13.40 -6.67
CA PHE A 400 4.17 12.24 -7.31
C PHE A 400 3.15 11.18 -7.69
N LEU A 401 2.18 10.88 -6.80
CA LEU A 401 1.18 9.88 -7.12
C LEU A 401 0.26 10.35 -8.25
N ASP A 402 -0.11 11.63 -8.19
CA ASP A 402 -0.96 12.21 -9.23
C ASP A 402 -0.27 12.12 -10.59
N THR A 403 1.00 12.47 -10.63
CA THR A 403 1.79 12.40 -11.88
C THR A 403 1.76 11.01 -12.48
N ARG A 404 1.96 9.98 -11.63
CA ARG A 404 1.94 8.61 -12.16
C ARG A 404 0.56 8.23 -12.66
N HIS A 405 -0.52 8.60 -11.96
CA HIS A 405 -1.85 8.33 -12.47
C HIS A 405 -2.07 9.09 -13.80
N GLN A 406 -1.55 10.30 -13.90
CA GLN A 406 -1.70 11.10 -15.11
C GLN A 406 -0.94 10.53 -16.31
N GLY A 407 0.12 9.76 -16.08
CA GLY A 407 0.87 9.20 -17.21
C GLY A 407 1.49 10.35 -18.01
N THR A 408 2.13 11.46 -16.76
CA THR A 408 3.03 12.51 -17.26
C THR A 408 4.46 12.24 -16.80
N PHE A 409 4.85 10.77 -17.42
CA PHE A 409 6.19 10.54 -16.89
C PHE A 409 6.85 9.50 -17.78
N ASP A 410 8.11 9.23 -17.53
CA ASP A 410 8.89 8.26 -18.29
C ASP A 410 9.08 7.03 -17.38
N VAL A 411 9.93 7.12 -16.39
CA VAL A 411 10.19 6.06 -15.43
C VAL A 411 10.01 6.68 -14.03
N ALA A 412 9.42 5.95 -13.12
CA ALA A 412 9.22 6.43 -11.77
C ALA A 412 9.62 5.40 -10.74
N ARG A 413 10.22 5.86 -9.64
CA ARG A 413 10.50 4.99 -8.50
C ARG A 413 9.12 4.53 -8.03
N ALA A 414 9.00 3.29 -7.57
CA ALA A 414 7.70 2.78 -7.18
C ALA A 414 7.80 1.72 -6.11
N GLY A 415 6.70 1.56 -5.37
CA GLY A 415 6.61 0.55 -4.34
C GLY A 415 5.15 0.15 -4.16
N TRP A 416 4.91 -1.16 -4.18
CA TRP A 416 3.53 -1.60 -3.92
C TRP A 416 3.60 -2.53 -2.71
N CYS A 417 2.75 -2.27 -1.71
CA CYS A 417 2.60 -3.15 -0.57
C CYS A 417 1.24 -3.84 -0.60
N ALA A 418 1.18 -5.13 -0.28
CA ALA A 418 -0.09 -5.87 -0.33
C ALA A 418 -1.16 -5.20 0.53
N ASP A 419 -2.41 -5.31 0.06
CA ASP A 419 -3.55 -4.83 0.85
C ASP A 419 -4.21 -6.01 1.55
N TYR A 420 -4.00 -7.18 0.98
CA TYR A 420 -4.46 -8.44 1.58
C TYR A 420 -3.43 -9.48 1.18
N ASN A 421 -3.17 -10.47 2.03
CA ASN A 421 -2.08 -11.40 1.69
C ASN A 421 -2.49 -12.51 0.73
N GLU A 422 -2.48 -12.21 -0.55
CA GLU A 422 -2.87 -13.15 -1.63
C GLU A 422 -2.30 -12.52 -2.87
N PRO A 423 -1.74 -13.28 -3.81
CA PRO A 423 -1.08 -12.70 -4.97
C PRO A 423 -1.90 -11.73 -5.78
N THR A 424 -3.23 -11.87 -5.85
CA THR A 424 -4.02 -10.89 -6.62
C THR A 424 -3.97 -9.51 -6.01
N SER A 425 -3.59 -9.30 -4.75
CA SER A 425 -3.45 -7.95 -4.21
C SER A 425 -2.39 -7.16 -4.99
N PHE A 426 -1.39 -7.89 -5.50
CA PHE A 426 -0.45 -7.31 -6.43
C PHE A 426 -0.95 -7.39 -7.88
N LEU A 427 -1.24 -8.62 -8.35
CA LEU A 427 -1.55 -8.84 -9.74
C LEU A 427 -2.74 -8.09 -10.31
N ASN A 428 -3.75 -7.81 -9.49
CA ASN A 428 -4.91 -7.08 -10.00
C ASN A 428 -4.57 -5.64 -10.37
N THR A 429 -3.50 -5.07 -9.82
CA THR A 429 -3.12 -3.70 -10.16
C THR A 429 -2.56 -3.61 -11.57
N MET A 430 -2.21 -4.72 -12.23
CA MET A 430 -1.71 -4.66 -13.58
C MET A 430 -2.78 -4.99 -14.61
N LEU A 431 -4.02 -5.23 -14.17
CA LEU A 431 -5.12 -5.43 -15.13
C LEU A 431 -5.30 -4.17 -15.94
N SER A 432 -5.61 -4.30 -17.24
CA SER A 432 -5.76 -3.18 -18.13
C SER A 432 -6.58 -2.02 -17.59
N ASP A 433 -7.71 -2.37 -16.99
CA ASP A 433 -8.61 -1.35 -16.51
C ASP A 433 -8.50 -1.07 -15.02
N SER A 434 -7.42 -1.46 -14.37
CA SER A 434 -7.40 -1.18 -12.93
C SER A 434 -7.17 0.27 -12.64
N SER A 435 -7.85 0.82 -11.66
CA SER A 435 -7.65 2.18 -11.16
C SER A 435 -6.29 2.31 -10.51
N ASN A 436 -5.66 1.21 -10.08
CA ASN A 436 -4.32 1.25 -9.51
C ASN A 436 -3.24 1.00 -10.57
N ASN A 437 -3.57 0.91 -11.85
CA ASN A 437 -2.51 0.62 -12.83
C ASN A 437 -1.79 1.89 -13.26
N THR A 438 -0.71 2.21 -12.52
CA THR A 438 0.10 3.38 -12.84
C THR A 438 1.20 2.97 -13.79
N ALA A 439 1.36 1.68 -14.11
CA ALA A 439 2.36 1.29 -15.10
C ALA A 439 1.76 1.62 -16.46
N HIS A 440 0.45 1.75 -16.54
CA HIS A 440 -0.33 1.99 -17.75
C HIS A 440 -0.06 0.83 -18.72
N TYR A 441 0.00 -0.36 -18.13
CA TYR A 441 0.23 -1.61 -18.82
C TYR A 441 -1.11 -2.24 -19.21
N LYS A 442 -1.21 -2.65 -20.48
CA LYS A 442 -2.47 -3.27 -20.94
C LYS A 442 -2.18 -4.52 -21.76
N SER A 443 -2.36 -5.68 -21.15
CA SER A 443 -2.12 -6.95 -21.83
C SER A 443 -3.33 -7.84 -21.72
N PRO A 444 -4.00 -8.12 -22.86
CA PRO A 444 -5.14 -9.02 -22.86
C PRO A 444 -4.74 -10.39 -22.36
N ALA A 445 -3.53 -10.86 -22.63
CA ALA A 445 -3.06 -12.15 -22.16
C ALA A 445 -2.94 -12.17 -20.63
N PHE A 446 -2.36 -11.08 -20.10
CA PHE A 446 -2.27 -11.00 -18.62
C PHE A 446 -3.64 -10.98 -18.01
N ASP A 447 -4.54 -10.12 -18.50
CA ASP A 447 -5.89 -10.01 -17.99
C ASP A 447 -6.57 -11.37 -17.97
N LYS A 448 -6.44 -12.11 -19.08
CA LYS A 448 -7.04 -13.43 -19.18
C LYS A 448 -6.55 -14.41 -18.11
N LEU A 449 -5.23 -14.47 -17.89
CA LEU A 449 -4.69 -15.34 -16.85
C LEU A 449 -5.33 -15.04 -15.51
N ILE A 450 -5.43 -13.76 -15.11
CA ILE A 450 -6.04 -13.44 -13.83
C ILE A 450 -7.53 -13.75 -13.79
N ALA A 451 -8.26 -13.49 -14.87
CA ALA A 451 -9.70 -13.78 -14.95
C ALA A 451 -9.96 -15.27 -14.70
N ASP A 452 -9.07 -16.12 -15.23
CA ASP A 452 -9.12 -17.56 -15.06
C ASP A 452 -8.92 -18.02 -13.62
N THR A 453 -8.23 -17.30 -12.76
CA THR A 453 -8.02 -17.72 -11.39
C THR A 453 -9.27 -17.95 -10.57
N LEU A 454 -10.42 -17.33 -10.82
CA LEU A 454 -11.57 -17.61 -9.97
C LEU A 454 -12.57 -18.51 -10.72
N LYS A 455 -12.17 -18.98 -11.89
CA LYS A 455 -12.98 -19.89 -12.69
C LYS A 455 -12.56 -21.33 -12.43
N VAL A 456 -11.53 -21.48 -11.61
CA VAL A 456 -11.05 -22.77 -11.12
C VAL A 456 -11.40 -22.73 -9.61
N ALA A 457 -11.53 -23.86 -8.95
CA ALA A 457 -11.84 -23.88 -7.51
C ALA A 457 -10.75 -24.73 -6.86
N ASP A 458 -9.55 -24.45 -7.34
CA ASP A 458 -8.37 -25.22 -6.89
C ASP A 458 -7.22 -24.28 -6.64
N ASP A 459 -6.63 -24.32 -5.44
CA ASP A 459 -5.51 -23.47 -5.07
C ASP A 459 -4.29 -23.69 -5.95
N THR A 460 -3.98 -24.94 -6.29
CA THR A 460 -2.84 -25.28 -7.12
C THR A 460 -2.97 -24.68 -8.52
N GLN A 461 -4.18 -24.81 -9.09
CA GLN A 461 -4.38 -24.23 -10.42
C GLN A 461 -4.23 -22.71 -10.30
N ARG A 462 -4.79 -22.13 -9.23
CA ARG A 462 -4.69 -20.68 -9.02
C ARG A 462 -3.22 -20.24 -8.91
N SER A 463 -2.44 -20.96 -8.11
CA SER A 463 -1.03 -20.58 -7.97
C SER A 463 -0.25 -20.66 -9.24
N GLU A 464 -0.54 -21.68 -10.05
CA GLU A 464 0.14 -21.87 -11.33
C GLU A 464 -0.23 -20.74 -12.27
N LEU A 465 -1.50 -20.30 -12.22
CA LEU A 465 -1.93 -19.16 -13.02
C LEU A 465 -1.27 -17.87 -12.53
N TYR A 466 -1.09 -17.72 -11.22
CA TYR A 466 -0.42 -16.49 -10.75
C TYR A 466 1.04 -16.49 -11.24
N ALA A 467 1.70 -17.67 -11.18
CA ALA A 467 3.06 -17.80 -11.66
C ALA A 467 3.16 -17.42 -13.14
N LYS A 468 2.22 -17.89 -13.94
CA LYS A 468 2.19 -17.58 -15.37
C LYS A 468 1.92 -16.11 -15.63
N ALA A 469 1.06 -15.51 -14.79
CA ALA A 469 0.78 -14.08 -14.93
C ALA A 469 2.06 -13.29 -14.64
N GLU A 470 2.84 -13.72 -13.64
CA GLU A 470 4.10 -13.07 -13.37
C GLU A 470 5.04 -13.26 -14.55
N GLN A 471 5.05 -14.48 -15.13
CA GLN A 471 5.91 -14.70 -16.29
C GLN A 471 5.46 -13.81 -17.45
N GLN A 472 4.18 -13.60 -17.65
CA GLN A 472 3.74 -12.70 -18.72
C GLN A 472 4.20 -11.25 -18.49
N LEU A 473 4.06 -10.79 -17.25
CA LEU A 473 4.54 -9.45 -16.90
C LEU A 473 6.03 -9.31 -17.20
N ASP A 474 6.81 -10.31 -16.80
CA ASP A 474 8.24 -10.38 -16.99
C ASP A 474 8.64 -10.43 -18.47
N LYS A 475 7.94 -11.24 -19.24
CA LYS A 475 8.14 -11.38 -20.68
C LYS A 475 7.97 -10.01 -21.34
N ASP A 476 6.97 -9.24 -20.89
CA ASP A 476 6.74 -7.90 -21.41
C ASP A 476 7.56 -6.80 -20.75
N SER A 477 8.31 -7.09 -19.70
CA SER A 477 9.11 -6.10 -18.99
C SER A 477 8.24 -4.88 -18.69
N ALA A 478 7.10 -5.16 -18.06
CA ALA A 478 6.19 -4.07 -17.68
C ALA A 478 6.90 -3.19 -16.65
N ILE A 479 7.66 -3.82 -15.76
CA ILE A 479 8.34 -3.08 -14.72
C ILE A 479 9.79 -3.49 -14.59
N VAL A 480 10.53 -2.76 -13.76
CA VAL A 480 11.89 -3.13 -13.42
C VAL A 480 11.90 -3.49 -11.94
N PRO A 481 11.74 -4.76 -11.58
CA PRO A 481 11.83 -5.15 -10.19
C PRO A 481 13.21 -4.86 -9.64
N VAL A 482 13.25 -4.36 -8.40
CA VAL A 482 14.55 -4.05 -7.77
C VAL A 482 14.77 -4.91 -6.56
N TYR A 483 13.94 -4.80 -5.51
CA TYR A 483 14.08 -5.64 -4.34
C TYR A 483 12.75 -5.85 -3.60
N TYR A 484 12.70 -6.88 -2.78
CA TYR A 484 11.52 -7.09 -1.91
C TYR A 484 11.90 -6.39 -0.61
N TYR A 485 11.05 -5.51 -0.09
CA TYR A 485 11.38 -4.77 1.10
C TYR A 485 11.38 -5.66 2.36
N VAL A 486 12.15 -5.16 3.32
CA VAL A 486 12.04 -5.61 4.68
C VAL A 486 11.38 -4.41 5.38
N ASN A 487 10.69 -4.65 6.46
CA ASN A 487 10.07 -3.58 7.22
C ASN A 487 11.02 -3.14 8.34
N ALA A 488 11.89 -2.19 8.06
CA ALA A 488 12.88 -1.71 8.99
C ALA A 488 12.49 -0.33 9.53
N ARG A 489 12.47 -0.20 10.85
CA ARG A 489 12.11 1.09 11.44
C ARG A 489 12.65 1.08 12.87
N LEU A 490 12.67 2.27 13.47
CA LEU A 490 13.09 2.32 14.87
C LEU A 490 11.87 2.50 15.75
N VAL A 491 11.82 1.80 16.86
CA VAL A 491 10.73 1.85 17.84
C VAL A 491 11.36 1.96 19.23
N LYS A 492 11.00 2.95 20.02
CA LYS A 492 11.56 3.12 21.36
C LYS A 492 11.24 1.92 22.21
N PRO A 493 12.11 1.61 23.20
CA PRO A 493 11.94 0.46 24.06
C PRO A 493 10.63 0.50 24.83
N TRP A 494 10.10 1.68 25.12
CA TRP A 494 8.88 1.85 25.90
C TRP A 494 7.63 1.74 25.05
N VAL A 495 7.72 1.57 23.74
CA VAL A 495 6.51 1.38 22.92
C VAL A 495 6.15 -0.11 22.94
N GLY A 496 5.05 -0.45 23.60
CA GLY A 496 4.61 -1.84 23.67
C GLY A 496 3.50 -2.13 22.65
N GLY A 497 3.33 -3.39 22.29
CA GLY A 497 2.24 -3.82 21.43
C GLY A 497 2.58 -3.94 19.96
N TYR A 498 3.79 -3.54 19.56
CA TYR A 498 4.20 -3.65 18.16
C TYR A 498 5.02 -4.93 17.98
N THR A 499 4.41 -5.96 17.43
CA THR A 499 5.06 -7.24 17.27
C THR A 499 6.02 -7.29 16.09
N GLY A 500 5.58 -6.73 14.97
CA GLY A 500 6.37 -6.82 13.72
C GLY A 500 5.98 -8.11 13.01
N LYS A 501 4.99 -8.82 13.54
CA LYS A 501 4.57 -10.08 12.95
C LYS A 501 3.70 -9.97 11.70
N ASP A 502 3.05 -8.81 11.56
CA ASP A 502 2.14 -8.63 10.43
C ASP A 502 2.97 -8.25 9.22
N PRO A 503 2.99 -9.07 8.17
CA PRO A 503 3.75 -8.74 6.98
C PRO A 503 3.10 -7.62 6.19
N LEU A 504 1.88 -7.22 6.53
CA LEU A 504 1.23 -6.08 5.93
C LEU A 504 1.45 -4.80 6.72
N ASP A 505 1.95 -4.89 7.95
CA ASP A 505 2.22 -3.73 8.81
C ASP A 505 0.98 -2.84 8.99
N ASN A 506 -0.15 -3.51 9.26
CA ASN A 506 -1.41 -2.82 9.50
C ASN A 506 -1.51 -2.47 10.99
N ILE A 507 -0.73 -1.47 11.40
CA ILE A 507 -0.72 -1.06 12.81
C ILE A 507 -1.94 -0.24 13.16
N TYR A 508 -2.47 -0.45 14.36
CA TYR A 508 -3.55 0.29 14.93
C TYR A 508 -2.98 0.87 16.23
N VAL A 509 -3.04 2.18 16.38
CA VAL A 509 -2.53 2.78 17.63
C VAL A 509 -3.34 2.37 18.84
N LYS A 510 -4.58 1.91 18.64
CA LYS A 510 -5.37 1.37 19.77
C LYS A 510 -4.78 0.12 20.39
N ASN A 511 -3.83 -0.55 19.75
CA ASN A 511 -3.17 -1.73 20.23
C ASN A 511 -1.85 -1.45 20.94
N LEU A 512 -1.39 -0.21 20.95
CA LEU A 512 -0.09 0.08 21.52
C LEU A 512 -0.23 0.64 22.94
N TYR A 513 0.93 0.73 23.63
CA TYR A 513 0.88 1.31 24.97
C TYR A 513 2.27 1.82 25.34
N ILE A 514 2.30 2.81 26.24
CA ILE A 514 3.63 3.34 26.63
C ILE A 514 4.00 2.78 28.01
N ILE A 515 5.12 2.08 28.03
CA ILE A 515 5.68 1.51 29.26
C ILE A 515 6.37 2.62 30.04
N LYS A 516 6.25 2.63 31.37
CA LYS A 516 6.93 3.62 32.18
C LYS A 516 8.43 3.61 31.93
N HIS A 517 8.99 4.79 31.71
CA HIS A 517 10.43 4.86 31.47
C HIS A 517 11.00 6.20 31.94
N LYS B 1 -1.39 -1.05 -1.67
CA LYS B 1 -1.19 0.40 -1.34
C LYS B 1 0.18 0.87 -1.77
N MET B 2 0.25 2.14 -2.16
CA MET B 2 1.51 2.75 -2.62
C MET B 2 2.46 3.02 -1.48
N LYS B 3 3.75 2.66 -1.71
CA LYS B 3 4.77 2.95 -0.70
C LYS B 3 5.94 3.73 -1.32
#